data_3E90
#
_entry.id   3E90
#
_cell.length_a   87.511
_cell.length_b   165.915
_cell.length_c   79.818
_cell.angle_alpha   90.00
_cell.angle_beta   90.00
_cell.angle_gamma   90.00
#
_symmetry.space_group_name_H-M   'C 2 2 21'
#
loop_
_entity.id
_entity.type
_entity.pdbx_description
1 polymer 'NS2B cofactor'
2 polymer 'NS3 protease'
3 non-polymer N~2~-(naphthalen-2-ylcarbonyl)-L-lysyl-N-[(1S)-4-carbamimidamido-1-formylbutyl]-L-lysinamide
4 water water
#
loop_
_entity_poly.entity_id
_entity_poly.type
_entity_poly.pdbx_seq_one_letter_code
_entity_poly.pdbx_strand_id
1 'polypeptide(L)' MGTDMWIERTADISWESDAEITGSSERVDVRLDDDGNFQLMNDPGAGGGG A,C
2 'polypeptide(L)'
;SGGGGGVLWDTPSPKEYKKGDTTTGVYRIMTRGLLGSYQAGAGVMVEGVFHTLWHTTKGAALMSGEGRLDPYWGSVKEDR
LCYGGPWKLQHKWNGQDEVQMIVVEPGKNVKNVRTKPGVFKTPEGEIGAVTLDFPTGTSGSPIVDKNGDVIGLYGNGVIM
PNGSYISAIVQGKRMDEPIPAGFEPEMLGSRSHHHHHH
;
B,D
#
loop_
_chem_comp.id
_chem_comp.type
_chem_comp.name
_chem_comp.formula
NKK non-polymer N~2~-(naphthalen-2-ylcarbonyl)-L-lysyl-N-[(1S)-4-carbamimidamido-1-formylbutyl]-L-lysinamide 'C29 H44 N8 O4'
#
# COMPACT_ATOMS: atom_id res chain seq x y z
N ASP A 4 -19.97 -0.60 4.14
CA ASP A 4 -19.48 -2.00 4.30
C ASP A 4 -18.33 -2.10 5.31
N MET A 5 -18.15 -1.07 6.11
CA MET A 5 -17.12 -1.06 7.14
C MET A 5 -17.78 -0.72 8.48
N TRP A 6 -17.42 -1.44 9.54
CA TRP A 6 -17.98 -1.15 10.86
C TRP A 6 -16.88 -1.09 11.91
N ILE A 7 -17.24 -0.72 13.14
CA ILE A 7 -16.27 -0.61 14.22
C ILE A 7 -16.75 -1.30 15.47
N GLU A 8 -15.82 -1.89 16.21
CA GLU A 8 -16.16 -2.57 17.47
C GLU A 8 -15.24 -2.06 18.58
N ARG A 9 -15.83 -1.61 19.68
CA ARG A 9 -15.03 -1.12 20.79
C ARG A 9 -14.23 -2.30 21.33
N THR A 10 -13.00 -2.06 21.76
CA THR A 10 -12.19 -3.16 22.21
C THR A 10 -11.31 -2.83 23.42
N ALA A 11 -11.34 -1.58 23.88
CA ALA A 11 -10.54 -1.20 25.03
C ALA A 11 -10.78 0.23 25.51
N ASP A 12 -10.42 0.49 26.77
CA ASP A 12 -10.58 1.83 27.32
C ASP A 12 -9.34 2.61 26.90
N ILE A 13 -9.42 3.94 27.04
CA ILE A 13 -8.31 4.81 26.71
C ILE A 13 -7.61 5.10 28.03
N SER A 14 -6.41 4.56 28.22
CA SER A 14 -5.71 4.80 29.47
C SER A 14 -4.27 4.34 29.50
N TRP A 15 -3.53 4.88 30.47
CA TRP A 15 -2.13 4.55 30.69
C TRP A 15 -2.07 3.31 31.58
N GLU A 16 -1.28 2.33 31.18
CA GLU A 16 -1.13 1.11 31.96
C GLU A 16 0.22 1.14 32.65
N SER A 17 0.20 1.16 33.97
CA SER A 17 1.41 1.21 34.77
C SER A 17 2.40 0.09 34.48
N ASP A 18 1.90 -1.11 34.22
N ASP A 18 1.88 -1.10 34.22
CA ASP A 18 2.76 -2.26 33.95
CA ASP A 18 2.75 -2.25 33.95
C ASP A 18 2.89 -2.56 32.45
C ASP A 18 2.86 -2.56 32.46
N ALA A 19 2.89 -1.52 31.63
CA ALA A 19 3.01 -1.68 30.19
C ALA A 19 4.43 -2.04 29.76
N GLU A 20 4.53 -2.92 28.77
CA GLU A 20 5.81 -3.39 28.23
C GLU A 20 6.64 -2.25 27.62
N ILE A 21 7.96 -2.34 27.75
CA ILE A 21 8.87 -1.33 27.23
C ILE A 21 9.52 -1.80 25.94
N THR A 22 9.57 -0.93 24.96
CA THR A 22 10.17 -1.30 23.69
C THR A 22 10.51 -0.11 22.80
N GLY A 23 11.55 -0.29 21.99
CA GLY A 23 11.96 0.74 21.07
C GLY A 23 12.99 1.75 21.51
N SER A 24 13.77 2.19 20.54
CA SER A 24 14.82 3.18 20.74
C SER A 24 14.34 4.53 20.22
N SER A 25 14.88 5.61 20.78
CA SER A 25 14.52 6.95 20.34
C SER A 25 15.45 7.34 19.22
N GLU A 26 14.92 7.51 18.01
CA GLU A 26 15.74 7.88 16.87
C GLU A 26 15.51 9.32 16.41
N ARG A 27 16.49 9.84 15.67
CA ARG A 27 16.43 11.19 15.11
C ARG A 27 16.60 10.98 13.61
N VAL A 28 15.51 11.11 12.86
CA VAL A 28 15.54 10.87 11.42
C VAL A 28 15.13 12.05 10.55
N ASP A 29 15.87 12.28 9.48
CA ASP A 29 15.57 13.36 8.56
C ASP A 29 14.57 12.83 7.54
N VAL A 30 13.48 13.56 7.33
CA VAL A 30 12.47 13.14 6.38
C VAL A 30 11.87 14.33 5.65
N ARG A 31 10.96 14.02 4.73
CA ARG A 31 10.22 15.03 3.97
C ARG A 31 8.81 14.45 3.92
N LEU A 32 7.81 15.31 3.83
CA LEU A 32 6.44 14.85 3.75
C LEU A 32 5.88 15.35 2.42
N ASP A 33 5.48 14.43 1.53
CA ASP A 33 4.95 14.88 0.25
C ASP A 33 3.47 15.22 0.31
N ASP A 34 2.96 15.73 -0.81
CA ASP A 34 1.55 16.11 -0.87
C ASP A 34 0.60 14.94 -0.78
N ASP A 35 1.11 13.72 -0.87
CA ASP A 35 0.27 12.54 -0.76
C ASP A 35 0.29 12.00 0.66
N GLY A 36 1.00 12.69 1.55
CA GLY A 36 1.07 12.27 2.94
C GLY A 36 2.07 11.16 3.20
N ASN A 37 3.09 11.06 2.36
CA ASN A 37 4.12 10.03 2.52
C ASN A 37 5.38 10.63 3.11
N PHE A 38 5.89 10.00 4.17
CA PHE A 38 7.13 10.47 4.75
C PHE A 38 8.19 9.87 3.84
N GLN A 39 9.29 10.57 3.61
CA GLN A 39 10.32 10.03 2.73
C GLN A 39 11.71 10.11 3.34
N LEU A 40 12.44 9.01 3.26
CA LEU A 40 13.82 9.01 3.73
C LEU A 40 14.57 9.48 2.49
N MET A 41 15.80 9.94 2.66
CA MET A 41 16.54 10.44 1.51
C MET A 41 16.71 9.45 0.37
N ASN A 42 17.03 8.19 0.69
CA ASN A 42 17.23 7.20 -0.36
C ASN A 42 16.01 6.39 -0.79
N ASP A 43 14.82 6.82 -0.40
CA ASP A 43 13.62 6.09 -0.81
C ASP A 43 13.36 6.40 -2.28
N PRO A 44 12.79 5.44 -3.02
CA PRO A 44 12.51 5.67 -4.43
C PRO A 44 11.69 6.93 -4.63
N GLY A 45 10.74 7.14 -3.73
CA GLY A 45 9.87 8.30 -3.82
C GLY A 45 10.42 9.63 -3.32
N ALA A 46 11.69 9.66 -2.95
CA ALA A 46 12.30 10.90 -2.47
C ALA A 46 12.34 11.91 -3.61
N GLY A 47 11.62 13.02 -3.47
CA GLY A 47 11.62 14.03 -4.51
C GLY A 47 10.25 14.52 -4.94
N GLY A 48 9.44 14.95 -3.99
CA GLY A 48 8.11 15.46 -4.29
C GLY A 48 7.22 14.55 -5.11
N GLY A 49 5.92 14.87 -5.16
CA GLY A 49 5.00 14.06 -5.92
C GLY A 49 3.51 14.27 -5.65
N GLY A 50 2.72 14.25 -6.72
CA GLY A 50 1.29 14.42 -6.60
C GLY A 50 0.51 13.31 -7.29
N GLY B 4 -2.80 17.84 -1.15
CA GLY B 4 -3.90 17.00 -0.61
C GLY B 4 -4.13 17.21 0.87
N GLY B 5 -4.41 18.46 1.25
CA GLY B 5 -4.62 18.76 2.66
C GLY B 5 -5.96 19.42 2.99
N GLY B 6 -6.68 18.80 3.91
CA GLY B 6 -7.97 19.35 4.35
C GLY B 6 -9.14 19.37 3.39
N VAL B 7 -10.31 19.04 3.92
CA VAL B 7 -11.56 19.03 3.16
C VAL B 7 -12.72 18.67 4.07
N LEU B 8 -13.81 19.42 3.97
CA LEU B 8 -15.00 19.17 4.79
C LEU B 8 -15.99 18.36 3.95
N TRP B 9 -16.32 17.17 4.45
CA TRP B 9 -17.21 16.26 3.75
C TRP B 9 -18.70 16.62 3.65
N ASP B 10 -19.34 16.02 2.65
CA ASP B 10 -20.78 16.20 2.38
C ASP B 10 -21.50 14.92 2.77
N THR B 11 -22.34 15.02 3.81
CA THR B 11 -23.08 13.87 4.28
C THR B 11 -24.56 14.19 4.45
N LYS B 15 -32.59 14.32 4.13
CA LYS B 15 -32.60 12.89 4.35
C LYS B 15 -31.54 12.49 5.39
N GLU B 16 -31.99 12.31 6.63
CA GLU B 16 -31.09 11.93 7.71
C GLU B 16 -30.91 10.42 7.84
N TYR B 17 -30.21 10.03 8.90
CA TYR B 17 -29.91 8.65 9.23
C TYR B 17 -29.79 8.64 10.74
N LYS B 18 -29.68 7.46 11.35
CA LYS B 18 -29.52 7.40 12.79
C LYS B 18 -28.03 7.41 13.08
N LYS B 19 -27.58 8.35 13.90
CA LYS B 19 -26.15 8.42 14.23
C LYS B 19 -25.73 7.19 15.03
N GLY B 20 -24.60 6.61 14.67
CA GLY B 20 -24.11 5.44 15.36
C GLY B 20 -23.57 5.66 16.76
N ASP B 21 -23.30 4.56 17.44
CA ASP B 21 -22.77 4.54 18.80
C ASP B 21 -21.40 5.22 18.93
N THR B 22 -21.31 6.29 19.70
CA THR B 22 -20.04 6.99 19.89
C THR B 22 -19.49 6.86 21.31
N THR B 23 -19.74 5.71 21.93
CA THR B 23 -19.26 5.42 23.27
C THR B 23 -17.75 5.62 23.32
N THR B 24 -17.29 6.44 24.25
CA THR B 24 -15.85 6.71 24.39
C THR B 24 -15.01 5.45 24.47
N GLY B 25 -13.86 5.46 23.80
CA GLY B 25 -12.98 4.31 23.83
C GLY B 25 -12.08 4.12 22.61
N VAL B 26 -11.43 2.96 22.56
CA VAL B 26 -10.53 2.58 21.48
C VAL B 26 -11.30 1.56 20.65
N TYR B 27 -11.27 1.71 19.33
CA TYR B 27 -12.01 0.80 18.45
C TYR B 27 -11.23 0.12 17.35
N ARG B 28 -11.79 -1.01 16.90
CA ARG B 28 -11.21 -1.78 15.81
C ARG B 28 -12.05 -1.45 14.58
N ILE B 29 -11.40 -1.14 13.46
CA ILE B 29 -12.14 -0.83 12.24
C ILE B 29 -12.16 -2.10 11.42
N MET B 30 -13.34 -2.70 11.29
CA MET B 30 -13.52 -3.94 10.55
C MET B 30 -14.17 -3.77 9.19
N THR B 31 -13.98 -4.79 8.35
CA THR B 31 -14.54 -4.79 7.01
C THR B 31 -14.61 -6.24 6.50
N ARG B 32 -15.40 -6.46 5.45
CA ARG B 32 -15.52 -7.80 4.88
C ARG B 32 -14.90 -7.84 3.50
N GLY B 33 -14.05 -8.85 3.28
CA GLY B 33 -13.41 -9.00 2.00
C GLY B 33 -13.91 -10.25 1.30
N LEU B 34 -13.25 -10.63 0.23
CA LEU B 34 -13.64 -11.81 -0.54
C LEU B 34 -13.29 -13.07 0.23
N LEU B 35 -12.54 -12.90 1.31
CA LEU B 35 -12.12 -14.03 2.13
C LEU B 35 -12.68 -14.02 3.55
N GLY B 36 -13.65 -13.14 3.80
CA GLY B 36 -14.23 -13.05 5.14
C GLY B 36 -13.95 -11.70 5.76
N SER B 37 -14.23 -11.56 7.05
CA SER B 37 -14.01 -10.29 7.73
C SER B 37 -12.59 -10.18 8.27
N TYR B 38 -12.07 -8.96 8.31
CA TYR B 38 -10.73 -8.70 8.83
C TYR B 38 -10.63 -7.25 9.34
N GLN B 39 -9.51 -6.93 9.98
CA GLN B 39 -9.32 -5.59 10.54
C GLN B 39 -8.59 -4.64 9.62
N ALA B 40 -9.31 -3.64 9.13
CA ALA B 40 -8.72 -2.66 8.24
C ALA B 40 -7.81 -1.70 9.01
N GLY B 41 -8.21 -1.36 10.23
CA GLY B 41 -7.42 -0.46 11.05
C GLY B 41 -8.05 -0.23 12.41
N ALA B 42 -7.64 0.84 13.08
CA ALA B 42 -8.14 1.17 14.40
C ALA B 42 -8.36 2.67 14.56
N GLY B 43 -8.93 3.06 15.69
CA GLY B 43 -9.19 4.46 15.93
C GLY B 43 -9.60 4.68 17.37
N VAL B 44 -9.73 5.95 17.74
CA VAL B 44 -10.10 6.30 19.09
C VAL B 44 -11.32 7.25 19.14
N MET B 45 -12.32 6.86 19.94
CA MET B 45 -13.54 7.63 20.08
C MET B 45 -13.45 8.53 21.30
N VAL B 46 -13.54 9.85 21.07
CA VAL B 46 -13.44 10.82 22.14
C VAL B 46 -14.39 11.99 21.92
N GLU B 47 -15.08 12.39 22.98
CA GLU B 47 -16.02 13.50 22.93
C GLU B 47 -17.06 13.31 21.80
N GLY B 48 -17.48 12.07 21.59
CA GLY B 48 -18.48 11.79 20.55
C GLY B 48 -17.99 11.85 19.12
N VAL B 49 -16.67 11.83 18.93
CA VAL B 49 -16.09 11.86 17.60
C VAL B 49 -15.07 10.75 17.39
N PHE B 50 -15.09 10.12 16.22
CA PHE B 50 -14.16 9.04 15.94
C PHE B 50 -12.96 9.53 15.16
N HIS B 51 -11.77 9.33 15.72
CA HIS B 51 -10.53 9.76 15.08
C HIS B 51 -9.72 8.57 14.60
N THR B 52 -9.08 8.73 13.45
CA THR B 52 -8.25 7.67 12.87
C THR B 52 -7.40 8.27 11.76
N LEU B 53 -6.51 7.47 11.17
CA LEU B 53 -5.69 7.96 10.06
C LEU B 53 -6.56 7.93 8.82
N TRP B 54 -6.21 8.73 7.83
CA TRP B 54 -7.00 8.77 6.61
C TRP B 54 -7.08 7.45 5.84
N HIS B 55 -5.94 6.79 5.67
N HIS B 55 -5.93 6.79 5.70
CA HIS B 55 -5.88 5.55 4.91
CA HIS B 55 -5.84 5.55 4.93
C HIS B 55 -6.53 4.29 5.47
C HIS B 55 -6.54 4.31 5.47
N THR B 56 -7.07 4.36 6.69
CA THR B 56 -7.73 3.18 7.25
C THR B 56 -9.09 2.91 6.59
N THR B 57 -9.86 3.97 6.37
CA THR B 57 -11.19 3.82 5.76
C THR B 57 -11.28 4.65 4.50
N LYS B 58 -10.33 5.58 4.34
CA LYS B 58 -10.31 6.46 3.18
C LYS B 58 -11.63 7.20 3.07
N GLY B 59 -12.28 7.43 4.21
CA GLY B 59 -13.53 8.17 4.21
C GLY B 59 -14.81 7.39 4.12
N ALA B 60 -14.71 6.06 4.06
CA ALA B 60 -15.90 5.23 3.99
C ALA B 60 -16.78 5.48 5.20
N ALA B 61 -18.10 5.41 5.00
CA ALA B 61 -19.03 5.61 6.09
C ALA B 61 -18.88 4.42 7.02
N LEU B 62 -18.98 4.64 8.32
CA LEU B 62 -18.81 3.56 9.28
C LEU B 62 -20.06 3.21 10.05
N MET B 63 -20.25 1.92 10.30
CA MET B 63 -21.39 1.45 11.07
C MET B 63 -20.89 1.27 12.49
N SER B 64 -21.67 1.75 13.45
CA SER B 64 -21.31 1.64 14.86
C SER B 64 -22.61 1.42 15.62
N GLY B 65 -22.83 0.19 16.05
CA GLY B 65 -24.06 -0.13 16.75
C GLY B 65 -25.14 -0.25 15.70
N GLU B 66 -26.30 0.36 15.96
CA GLU B 66 -27.39 0.31 15.00
C GLU B 66 -27.39 1.61 14.21
N GLY B 67 -26.33 2.39 14.38
CA GLY B 67 -26.23 3.65 13.67
C GLY B 67 -25.04 3.76 12.72
N ARG B 68 -24.94 4.91 12.07
CA ARG B 68 -23.86 5.16 11.13
C ARG B 68 -23.10 6.43 11.49
N LEU B 69 -21.83 6.46 11.10
CA LEU B 69 -20.98 7.62 11.35
C LEU B 69 -20.39 8.04 10.01
N ASP B 70 -20.59 9.30 9.64
CA ASP B 70 -20.08 9.82 8.38
C ASP B 70 -18.80 10.60 8.61
N PRO B 71 -17.93 10.66 7.60
CA PRO B 71 -16.69 11.41 7.76
C PRO B 71 -17.06 12.88 7.90
N TYR B 72 -16.35 13.60 8.77
CA TYR B 72 -16.63 15.00 8.96
C TYR B 72 -15.53 15.81 8.30
N TRP B 73 -14.29 15.51 8.67
CA TRP B 73 -13.13 16.19 8.12
C TRP B 73 -11.98 15.21 7.91
N GLY B 74 -11.15 15.51 6.92
CA GLY B 74 -10.01 14.66 6.63
C GLY B 74 -8.99 15.33 5.73
N SER B 75 -7.75 14.85 5.82
CA SER B 75 -6.64 15.34 5.04
C SER B 75 -5.71 14.19 4.70
N VAL B 76 -5.48 13.97 3.41
CA VAL B 76 -4.59 12.90 2.99
C VAL B 76 -3.16 13.22 3.39
N LYS B 77 -2.75 14.47 3.23
CA LYS B 77 -1.40 14.87 3.55
C LYS B 77 -1.08 14.72 5.03
N GLU B 78 -2.08 15.01 5.87
CA GLU B 78 -1.93 14.90 7.32
C GLU B 78 -2.18 13.45 7.69
N ASP B 79 -2.90 12.77 6.79
CA ASP B 79 -3.30 11.38 6.98
C ASP B 79 -4.09 11.26 8.28
N ARG B 80 -5.07 12.13 8.44
CA ARG B 80 -5.94 12.11 9.61
C ARG B 80 -7.38 12.20 9.13
N LEU B 81 -8.30 11.67 9.93
CA LEU B 81 -9.70 11.65 9.57
C LEU B 81 -10.57 11.43 10.81
N CYS B 82 -11.64 12.22 10.94
CA CYS B 82 -12.53 12.06 12.08
C CYS B 82 -13.98 12.02 11.64
N TYR B 83 -14.79 11.27 12.39
CA TYR B 83 -16.21 11.11 12.09
C TYR B 83 -17.09 11.70 13.19
N GLY B 84 -18.20 12.31 12.80
CA GLY B 84 -19.14 12.86 13.76
C GLY B 84 -18.93 14.27 14.24
N GLY B 85 -17.81 14.89 13.89
CA GLY B 85 -17.55 16.25 14.33
C GLY B 85 -16.12 16.66 14.09
N PRO B 86 -15.73 17.89 14.47
CA PRO B 86 -14.37 18.38 14.29
C PRO B 86 -13.36 17.56 15.06
N TRP B 87 -12.09 17.68 14.69
CA TRP B 87 -11.02 16.95 15.36
C TRP B 87 -11.03 17.39 16.83
N LYS B 88 -11.17 16.42 17.73
CA LYS B 88 -11.28 16.73 19.15
C LYS B 88 -10.00 16.61 19.99
N LEU B 89 -9.09 15.72 19.59
CA LEU B 89 -7.84 15.54 20.31
C LEU B 89 -7.17 16.90 20.50
N GLN B 90 -6.67 17.17 21.70
CA GLN B 90 -6.06 18.45 21.96
C GLN B 90 -4.77 18.41 22.76
N HIS B 91 -4.08 17.28 22.81
CA HIS B 91 -2.82 17.18 23.51
C HIS B 91 -1.73 16.64 22.59
N LYS B 92 -0.48 16.93 22.93
CA LYS B 92 0.64 16.47 22.14
C LYS B 92 1.82 16.15 23.05
N TRP B 93 2.73 15.34 22.55
CA TRP B 93 3.89 14.95 23.30
C TRP B 93 4.66 16.17 23.79
N ASN B 94 5.04 16.18 25.05
CA ASN B 94 5.78 17.30 25.61
C ASN B 94 7.26 17.17 25.31
N GLY B 95 7.59 16.24 24.42
CA GLY B 95 8.97 16.03 24.05
C GLY B 95 9.91 15.72 25.19
N GLN B 96 9.37 15.18 26.30
CA GLN B 96 10.19 14.87 27.46
C GLN B 96 9.94 13.51 28.09
N ASP B 97 8.67 13.16 28.27
CA ASP B 97 8.31 11.90 28.90
C ASP B 97 8.08 10.77 27.93
N GLU B 98 7.98 9.56 28.47
CA GLU B 98 7.74 8.39 27.65
C GLU B 98 6.24 8.40 27.39
N VAL B 99 5.81 7.67 26.37
CA VAL B 99 4.40 7.62 26.04
C VAL B 99 3.96 6.17 25.91
N GLN B 100 2.68 5.94 25.72
CA GLN B 100 2.19 4.56 25.57
C GLN B 100 1.25 4.39 24.39
N MET B 101 1.47 3.32 23.64
CA MET B 101 0.63 3.03 22.50
C MET B 101 -0.35 1.94 22.92
N ILE B 102 -1.62 2.16 22.63
CA ILE B 102 -2.64 1.17 22.93
C ILE B 102 -2.71 0.40 21.64
N VAL B 103 -1.88 -0.64 21.54
CA VAL B 103 -1.77 -1.48 20.35
C VAL B 103 -3.01 -2.31 20.03
N VAL B 104 -3.66 -1.97 18.92
CA VAL B 104 -4.85 -2.69 18.48
C VAL B 104 -4.44 -3.50 17.25
N GLU B 105 -3.68 -4.56 17.49
CA GLU B 105 -3.18 -5.43 16.43
C GLU B 105 -4.22 -6.44 15.93
N PRO B 106 -4.41 -6.53 14.61
CA PRO B 106 -5.38 -7.47 14.07
C PRO B 106 -5.21 -8.87 14.64
N GLY B 107 -6.32 -9.50 15.01
CA GLY B 107 -6.25 -10.85 15.55
C GLY B 107 -5.62 -11.04 16.92
N LYS B 108 -5.30 -9.95 17.62
CA LYS B 108 -4.70 -10.07 18.94
C LYS B 108 -5.32 -9.14 19.96
N ASN B 109 -5.23 -9.52 21.24
CA ASN B 109 -5.79 -8.69 22.30
C ASN B 109 -5.01 -7.42 22.45
N VAL B 110 -5.68 -6.36 22.87
CA VAL B 110 -5.03 -5.08 23.05
C VAL B 110 -4.06 -5.13 24.22
N LYS B 111 -2.92 -4.48 24.06
CA LYS B 111 -1.91 -4.41 25.10
C LYS B 111 -1.26 -3.04 24.98
N ASN B 112 -0.70 -2.54 26.07
CA ASN B 112 -0.03 -1.25 26.08
C ASN B 112 1.49 -1.44 26.04
N VAL B 113 2.18 -0.61 25.28
CA VAL B 113 3.62 -0.67 25.21
C VAL B 113 4.09 0.76 25.35
N ARG B 114 5.01 1.01 26.29
CA ARG B 114 5.50 2.36 26.47
C ARG B 114 6.80 2.49 25.74
N THR B 115 7.13 3.72 25.38
CA THR B 115 8.35 3.99 24.65
C THR B 115 8.74 5.46 24.76
N LYS B 116 10.03 5.70 24.60
CA LYS B 116 10.57 7.05 24.63
C LYS B 116 10.63 7.49 23.18
N PRO B 117 9.78 8.46 22.81
CA PRO B 117 9.77 8.95 21.44
C PRO B 117 11.07 9.60 21.01
N GLY B 118 11.32 9.58 19.70
CA GLY B 118 12.48 10.23 19.12
C GLY B 118 11.85 11.30 18.25
N VAL B 119 12.54 11.75 17.20
CA VAL B 119 11.93 12.77 16.34
C VAL B 119 12.17 12.59 14.85
N PHE B 120 11.27 13.14 14.06
CA PHE B 120 11.41 13.14 12.61
C PHE B 120 11.78 14.60 12.39
N LYS B 121 12.88 14.86 11.69
CA LYS B 121 13.29 16.22 11.43
C LYS B 121 12.72 16.65 10.09
N THR B 122 11.73 17.52 10.18
CA THR B 122 10.99 18.04 9.04
C THR B 122 11.45 19.44 8.67
N PRO B 123 11.28 19.84 7.40
CA PRO B 123 11.71 21.19 7.05
C PRO B 123 10.88 22.20 7.85
N GLU B 124 9.69 21.77 8.25
CA GLU B 124 8.78 22.61 9.01
C GLU B 124 8.87 22.41 10.53
N GLY B 125 9.93 21.75 11.00
CA GLY B 125 10.08 21.53 12.43
C GLY B 125 10.28 20.07 12.81
N GLU B 126 10.00 19.73 14.06
CA GLU B 126 10.16 18.36 14.54
C GLU B 126 8.84 17.69 14.92
N ILE B 127 8.76 16.38 14.71
CA ILE B 127 7.57 15.60 15.05
C ILE B 127 7.96 14.37 15.85
N GLY B 128 7.24 14.12 16.93
CA GLY B 128 7.51 12.96 17.77
C GLY B 128 7.45 11.72 16.90
N ALA B 129 8.34 10.77 17.18
CA ALA B 129 8.40 9.55 16.40
C ALA B 129 8.72 8.35 17.28
N VAL B 130 7.85 7.35 17.26
CA VAL B 130 8.06 6.16 18.07
C VAL B 130 8.53 4.99 17.23
N THR B 131 9.55 4.30 17.74
CA THR B 131 10.11 3.15 17.05
C THR B 131 9.36 1.92 17.52
N LEU B 132 8.21 1.66 16.91
CA LEU B 132 7.39 0.51 17.27
C LEU B 132 6.99 -0.12 15.95
N ASP B 133 7.19 -1.42 15.83
CA ASP B 133 6.87 -2.13 14.60
C ASP B 133 5.69 -3.07 14.80
N PHE B 134 4.53 -2.66 14.31
CA PHE B 134 3.33 -3.48 14.42
C PHE B 134 2.71 -3.62 13.04
N PRO B 135 2.16 -4.81 12.72
CA PRO B 135 1.52 -5.20 11.46
C PRO B 135 0.47 -4.29 10.83
N THR B 136 0.31 -4.48 9.53
CA THR B 136 -0.69 -3.77 8.74
C THR B 136 -2.03 -3.94 9.45
N GLY B 137 -2.80 -2.85 9.54
CA GLY B 137 -4.09 -2.91 10.19
C GLY B 137 -4.06 -2.35 11.61
N THR B 138 -2.87 -2.11 12.14
CA THR B 138 -2.74 -1.55 13.50
C THR B 138 -2.86 -0.01 13.48
N SER B 139 -2.70 0.58 12.30
CA SER B 139 -2.78 2.02 12.17
C SER B 139 -4.10 2.55 12.73
N GLY B 140 -4.04 3.66 13.45
CA GLY B 140 -5.22 4.23 14.05
C GLY B 140 -5.14 4.04 15.55
N SER B 141 -4.29 3.10 15.96
CA SER B 141 -4.08 2.83 17.38
C SER B 141 -3.63 4.12 18.04
N PRO B 142 -4.28 4.49 19.15
CA PRO B 142 -3.96 5.71 19.87
C PRO B 142 -2.70 5.62 20.70
N ILE B 143 -2.07 6.77 20.89
CA ILE B 143 -0.87 6.87 21.69
C ILE B 143 -1.24 7.84 22.79
N VAL B 144 -0.91 7.50 24.02
CA VAL B 144 -1.27 8.36 25.15
C VAL B 144 -0.12 8.77 26.03
N ASP B 145 -0.32 9.86 26.76
CA ASP B 145 0.67 10.36 27.71
C ASP B 145 0.31 9.79 29.09
N LYS B 146 1.13 10.09 30.09
CA LYS B 146 0.91 9.56 31.44
C LYS B 146 -0.43 9.93 32.06
N ASN B 147 -1.04 11.03 31.63
CA ASN B 147 -2.32 11.44 32.17
C ASN B 147 -3.44 10.71 31.45
N GLY B 148 -3.06 9.87 30.49
CA GLY B 148 -4.06 9.12 29.75
C GLY B 148 -4.75 9.87 28.64
N ASP B 149 -4.22 11.02 28.24
CA ASP B 149 -4.81 11.79 27.16
C ASP B 149 -4.26 11.31 25.81
N VAL B 150 -5.07 11.38 24.78
CA VAL B 150 -4.64 10.96 23.45
C VAL B 150 -3.76 12.04 22.83
N ILE B 151 -2.47 11.75 22.66
CA ILE B 151 -1.56 12.73 22.09
C ILE B 151 -1.33 12.51 20.60
N GLY B 152 -1.84 11.40 20.07
CA GLY B 152 -1.66 11.14 18.66
C GLY B 152 -2.02 9.71 18.25
N LEU B 153 -1.81 9.42 16.97
CA LEU B 153 -2.12 8.12 16.40
C LEU B 153 -0.92 7.46 15.73
N TYR B 154 -0.96 6.13 15.67
CA TYR B 154 0.10 5.33 15.08
C TYR B 154 -0.26 4.92 13.65
N GLY B 155 0.73 4.72 12.79
CA GLY B 155 0.41 4.29 11.44
C GLY B 155 1.01 4.93 10.21
N ASN B 156 1.67 6.08 10.33
CA ASN B 156 2.26 6.72 9.15
C ASN B 156 3.72 7.09 9.41
N GLY B 157 4.64 6.40 8.76
CA GLY B 157 6.03 6.69 8.98
C GLY B 157 6.99 6.18 7.94
N VAL B 158 8.16 5.75 8.40
CA VAL B 158 9.20 5.26 7.49
C VAL B 158 9.79 3.93 7.93
N ILE B 159 10.43 3.25 6.97
CA ILE B 159 11.10 2.00 7.26
C ILE B 159 12.58 2.32 7.06
N MET B 160 13.34 2.27 8.13
CA MET B 160 14.76 2.60 8.08
C MET B 160 15.55 1.54 7.31
N PRO B 161 16.75 1.91 6.86
CA PRO B 161 17.57 0.94 6.12
C PRO B 161 17.80 -0.34 6.93
N ASN B 162 17.77 -0.24 8.25
CA ASN B 162 17.97 -1.42 9.10
C ASN B 162 16.71 -2.29 9.17
N GLY B 163 15.68 -1.89 8.42
CA GLY B 163 14.46 -2.67 8.40
C GLY B 163 13.46 -2.38 9.51
N SER B 164 13.83 -1.55 10.48
CA SER B 164 12.92 -1.23 11.56
C SER B 164 11.98 -0.09 11.16
N TYR B 165 10.73 -0.19 11.60
CA TYR B 165 9.72 0.81 11.28
C TYR B 165 9.64 1.91 12.34
N ILE B 166 9.43 3.13 11.91
CA ILE B 166 9.29 4.24 12.84
C ILE B 166 8.06 5.03 12.43
N SER B 167 7.12 5.16 13.34
CA SER B 167 5.91 5.90 13.05
C SER B 167 5.91 7.24 13.76
N ALA B 168 5.42 8.26 13.06
CA ALA B 168 5.32 9.57 13.68
C ALA B 168 4.10 9.47 14.58
N ILE B 169 4.03 10.35 15.57
CA ILE B 169 2.87 10.37 16.44
C ILE B 169 1.95 11.29 15.63
N VAL B 170 1.09 10.69 14.81
CA VAL B 170 0.19 11.46 13.96
C VAL B 170 -0.83 12.20 14.81
N GLN B 171 -0.86 13.51 14.64
CA GLN B 171 -1.75 14.32 15.43
C GLN B 171 -2.00 15.66 14.79
N GLY B 172 -3.16 16.22 15.10
CA GLY B 172 -3.54 17.51 14.58
C GLY B 172 -4.05 18.32 15.75
N LYS B 173 -4.41 19.57 15.48
CA LYS B 173 -4.92 20.45 16.51
C LYS B 173 -6.45 20.41 16.55
N ARG B 174 -7.02 20.62 17.73
CA ARG B 174 -8.46 20.60 17.92
C ARG B 174 -9.17 21.64 17.04
N MET B 175 -10.22 21.21 16.35
CA MET B 175 -11.01 22.08 15.47
C MET B 175 -12.23 22.55 16.23
N ASP B 176 -12.69 23.77 15.95
CA ASP B 176 -13.88 24.30 16.60
C ASP B 176 -15.12 23.73 15.95
N GLU B 177 -16.26 23.83 16.63
CA GLU B 177 -17.50 23.33 16.07
C GLU B 177 -17.85 24.30 14.94
N PRO B 178 -18.61 23.82 13.94
CA PRO B 178 -19.02 24.63 12.80
C PRO B 178 -19.69 25.93 13.20
N ILE B 179 -19.24 27.04 12.64
CA ILE B 179 -19.85 28.33 12.95
C ILE B 179 -20.61 28.89 11.76
N GLY C 2 14.97 -17.97 -33.91
CA GLY C 2 14.43 -16.57 -33.96
C GLY C 2 13.08 -16.52 -33.27
N THR C 3 12.57 -15.32 -33.02
CA THR C 3 11.28 -15.21 -32.33
C THR C 3 10.05 -15.01 -33.20
N ASP C 4 8.94 -15.47 -32.65
CA ASP C 4 7.63 -15.36 -33.25
C ASP C 4 6.90 -14.44 -32.29
N MET C 5 7.66 -13.84 -31.38
CA MET C 5 7.11 -12.91 -30.38
C MET C 5 7.57 -11.48 -30.61
N TRP C 6 6.64 -10.55 -30.44
CA TRP C 6 6.92 -9.13 -30.62
C TRP C 6 6.05 -8.35 -29.65
N ILE C 7 6.22 -7.03 -29.62
CA ILE C 7 5.43 -6.20 -28.74
C ILE C 7 4.79 -5.04 -29.50
N GLU C 8 3.70 -4.53 -28.94
CA GLU C 8 2.96 -3.42 -29.54
C GLU C 8 2.55 -2.44 -28.45
N ARG C 9 2.96 -1.18 -28.59
CA ARG C 9 2.60 -0.17 -27.60
C ARG C 9 1.09 -0.04 -27.64
N THR C 10 0.47 0.02 -26.46
CA THR C 10 -0.97 0.12 -26.40
C THR C 10 -1.48 1.25 -25.50
N ALA C 11 -0.63 1.84 -24.68
CA ALA C 11 -1.08 2.91 -23.81
C ALA C 11 0.01 3.58 -22.99
N ASP C 12 -0.35 4.69 -22.34
CA ASP C 12 0.58 5.43 -21.50
C ASP C 12 0.55 4.91 -20.07
N ILE C 13 1.64 5.12 -19.34
CA ILE C 13 1.70 4.71 -17.95
C ILE C 13 1.02 5.87 -17.29
N SER C 14 -0.19 5.66 -16.79
CA SER C 14 -0.94 6.74 -16.18
C SER C 14 -1.98 6.30 -15.17
N TRP C 15 -2.24 7.18 -14.21
CA TRP C 15 -3.24 6.91 -13.19
C TRP C 15 -4.52 7.52 -13.76
N GLU C 16 -5.63 6.81 -13.60
CA GLU C 16 -6.90 7.29 -14.12
C GLU C 16 -7.84 7.62 -12.97
N SER C 17 -8.31 8.87 -12.94
CA SER C 17 -9.20 9.34 -11.89
C SER C 17 -10.56 8.64 -11.84
N ASP C 18 -11.03 8.17 -12.99
CA ASP C 18 -12.33 7.52 -13.04
C ASP C 18 -12.26 6.00 -12.95
N ALA C 19 -11.15 5.47 -12.44
CA ALA C 19 -11.00 4.02 -12.33
C ALA C 19 -11.89 3.44 -11.23
N GLU C 20 -12.68 2.44 -11.60
CA GLU C 20 -13.58 1.77 -10.67
C GLU C 20 -12.77 0.99 -9.64
N ILE C 21 -13.28 0.88 -8.42
CA ILE C 21 -12.58 0.16 -7.38
C ILE C 21 -13.15 -1.25 -7.18
N THR C 22 -12.27 -2.22 -6.96
CA THR C 22 -12.68 -3.60 -6.75
C THR C 22 -11.64 -4.29 -5.88
N GLY C 23 -11.89 -5.55 -5.54
CA GLY C 23 -10.94 -6.31 -4.73
C GLY C 23 -11.02 -6.04 -3.24
N SER C 24 -10.16 -6.70 -2.48
CA SER C 24 -10.13 -6.52 -1.02
C SER C 24 -8.68 -6.58 -0.52
N SER C 25 -8.45 -6.06 0.69
CA SER C 25 -7.10 -6.03 1.26
C SER C 25 -6.76 -7.21 2.17
N GLU C 26 -7.09 -8.41 1.71
CA GLU C 26 -6.82 -9.64 2.46
C GLU C 26 -5.34 -9.82 2.82
N ARG C 27 -5.09 -10.54 3.91
CA ARG C 27 -3.73 -10.81 4.35
C ARG C 27 -3.52 -12.32 4.49
N VAL C 28 -2.81 -12.91 3.53
CA VAL C 28 -2.57 -14.35 3.55
C VAL C 28 -1.09 -14.74 3.68
N ASP C 29 -0.87 -15.92 4.26
CA ASP C 29 0.46 -16.43 4.45
C ASP C 29 0.86 -17.25 3.24
N VAL C 30 1.95 -16.87 2.62
CA VAL C 30 2.43 -17.55 1.44
C VAL C 30 3.92 -17.79 1.47
N ARG C 31 4.37 -18.63 0.53
N ARG C 31 4.38 -18.62 0.54
CA ARG C 31 5.76 -19.01 0.42
CA ARG C 31 5.80 -18.95 0.43
C ARG C 31 6.14 -18.97 -1.06
C ARG C 31 6.14 -18.94 -1.05
N LEU C 32 7.30 -18.41 -1.38
CA LEU C 32 7.75 -18.36 -2.77
C LEU C 32 8.80 -19.43 -2.96
N ASP C 33 8.45 -20.54 -3.60
CA ASP C 33 9.43 -21.60 -3.78
C ASP C 33 10.48 -21.26 -4.82
N ASP C 34 11.45 -22.14 -5.00
CA ASP C 34 12.54 -21.89 -5.93
C ASP C 34 12.17 -21.85 -7.41
N ASP C 35 10.95 -22.26 -7.74
CA ASP C 35 10.52 -22.25 -9.13
C ASP C 35 9.70 -21.00 -9.43
N GLY C 36 9.73 -20.06 -8.50
CA GLY C 36 8.98 -18.83 -8.66
C GLY C 36 7.49 -19.00 -8.45
N ASN C 37 7.11 -20.06 -7.72
CA ASN C 37 5.71 -20.30 -7.46
C ASN C 37 5.37 -20.02 -6.01
N PHE C 38 4.30 -19.27 -5.80
CA PHE C 38 3.85 -18.98 -4.45
C PHE C 38 3.04 -20.20 -4.01
N GLN C 39 3.08 -20.49 -2.71
CA GLN C 39 2.36 -21.63 -2.17
C GLN C 39 1.65 -21.20 -0.89
N LEU C 40 0.36 -21.46 -0.79
CA LEU C 40 -0.39 -21.12 0.41
C LEU C 40 0.31 -21.85 1.54
N MET C 41 0.69 -21.11 2.58
CA MET C 41 1.43 -21.72 3.66
C MET C 41 0.66 -22.34 4.81
N ASN C 42 0.73 -23.68 4.85
CA ASN C 42 0.10 -24.54 5.85
C ASN C 42 -0.26 -25.88 5.22
N GLY D 5 20.67 -16.72 -8.40
CA GLY D 5 19.19 -16.71 -8.54
C GLY D 5 18.72 -15.84 -9.69
N GLY D 6 19.41 -14.73 -9.89
CA GLY D 6 19.08 -13.82 -10.97
C GLY D 6 20.08 -13.98 -12.11
N VAL D 7 19.58 -14.35 -13.28
CA VAL D 7 20.44 -14.54 -14.45
C VAL D 7 20.72 -13.27 -15.25
N LEU D 8 21.95 -13.17 -15.76
CA LEU D 8 22.37 -12.03 -16.56
C LEU D 8 22.81 -12.63 -17.90
N TRP D 9 22.09 -12.31 -18.97
CA TRP D 9 22.40 -12.83 -20.29
C TRP D 9 23.59 -12.10 -20.91
N TYR D 17 22.76 -6.74 -35.65
CA TYR D 17 21.38 -6.82 -35.17
C TYR D 17 20.84 -5.44 -34.73
N LYS D 18 19.75 -5.02 -35.37
CA LYS D 18 19.13 -3.72 -35.07
C LYS D 18 18.25 -3.69 -33.82
N LYS D 19 18.41 -2.64 -33.03
CA LYS D 19 17.68 -2.44 -31.77
C LYS D 19 16.23 -2.04 -32.01
N GLY D 20 15.31 -2.66 -31.28
CA GLY D 20 13.89 -2.33 -31.43
C GLY D 20 13.45 -1.04 -30.76
N ASP D 21 12.25 -0.60 -31.11
CA ASP D 21 11.65 0.61 -30.56
C ASP D 21 11.52 0.48 -29.05
N THR D 22 11.93 1.50 -28.31
CA THR D 22 11.83 1.45 -26.85
C THR D 22 11.07 2.65 -26.28
N THR D 23 10.03 3.08 -26.98
CA THR D 23 9.22 4.21 -26.54
C THR D 23 8.55 3.91 -25.21
N THR D 24 8.63 4.84 -24.27
CA THR D 24 8.01 4.63 -22.98
C THR D 24 6.53 4.31 -23.15
N GLY D 25 6.00 3.46 -22.28
CA GLY D 25 4.59 3.11 -22.37
C GLY D 25 4.30 1.66 -21.98
N VAL D 26 3.02 1.30 -22.12
CA VAL D 26 2.52 -0.04 -21.81
C VAL D 26 2.37 -0.83 -23.10
N TYR D 27 2.77 -2.11 -23.08
CA TYR D 27 2.69 -2.93 -24.29
C TYR D 27 2.01 -4.30 -24.10
N ARG D 28 1.64 -4.89 -25.24
CA ARG D 28 1.03 -6.22 -25.30
C ARG D 28 2.12 -7.11 -25.90
N ILE D 29 2.34 -8.27 -25.32
CA ILE D 29 3.34 -9.18 -25.85
C ILE D 29 2.57 -10.16 -26.74
N MET D 30 2.86 -10.11 -28.03
CA MET D 30 2.18 -10.95 -29.00
C MET D 30 3.03 -12.15 -29.40
N THR D 31 2.40 -13.11 -30.07
CA THR D 31 3.10 -14.31 -30.52
C THR D 31 2.37 -14.97 -31.68
N ARG D 32 3.12 -15.74 -32.47
CA ARG D 32 2.55 -16.46 -33.59
C ARG D 32 1.94 -17.72 -32.98
N GLY D 33 0.90 -18.24 -33.62
CA GLY D 33 0.25 -19.44 -33.15
C GLY D 33 -0.19 -20.32 -34.31
N LEU D 34 -0.38 -21.61 -34.06
CA LEU D 34 -0.81 -22.51 -35.12
C LEU D 34 -2.07 -21.98 -35.79
N LEU D 35 -2.98 -21.44 -34.99
CA LEU D 35 -4.25 -20.95 -35.51
C LEU D 35 -4.43 -19.44 -35.44
N GLY D 36 -3.34 -18.69 -35.55
CA GLY D 36 -3.46 -17.25 -35.49
C GLY D 36 -2.59 -16.59 -34.45
N SER D 37 -2.46 -15.27 -34.54
CA SER D 37 -1.65 -14.50 -33.60
C SER D 37 -2.48 -14.08 -32.40
N TYR D 38 -1.89 -14.16 -31.21
CA TYR D 38 -2.62 -13.79 -30.01
C TYR D 38 -1.71 -13.21 -28.93
N GLN D 39 -2.32 -12.59 -27.92
CA GLN D 39 -1.58 -11.98 -26.83
C GLN D 39 -1.11 -13.01 -25.81
N ALA D 40 0.19 -13.03 -25.56
CA ALA D 40 0.77 -13.97 -24.61
C ALA D 40 0.99 -13.29 -23.27
N GLY D 41 0.99 -11.96 -23.27
CA GLY D 41 1.21 -11.23 -22.04
C GLY D 41 1.31 -9.72 -22.22
N ALA D 42 1.84 -9.03 -21.20
CA ALA D 42 1.99 -7.57 -21.22
C ALA D 42 3.31 -7.15 -20.56
N GLY D 43 3.61 -5.86 -20.68
CA GLY D 43 4.83 -5.34 -20.10
C GLY D 43 4.84 -3.83 -20.15
N VAL D 44 5.86 -3.23 -19.55
CA VAL D 44 5.97 -1.78 -19.52
C VAL D 44 7.39 -1.31 -19.88
N MET D 45 7.44 -0.32 -20.77
CA MET D 45 8.70 0.24 -21.24
C MET D 45 9.04 1.53 -20.46
N VAL D 46 10.13 1.48 -19.71
CA VAL D 46 10.56 2.65 -18.93
C VAL D 46 12.07 2.81 -19.11
N GLU D 47 12.50 4.04 -19.41
CA GLU D 47 13.92 4.34 -19.60
C GLU D 47 14.62 3.39 -20.59
N GLY D 48 13.94 3.09 -21.69
CA GLY D 48 14.51 2.22 -22.70
C GLY D 48 14.62 0.77 -22.32
N VAL D 49 13.94 0.37 -21.26
CA VAL D 49 13.99 -1.02 -20.85
C VAL D 49 12.59 -1.57 -20.77
N PHE D 50 12.39 -2.75 -21.34
CA PHE D 50 11.08 -3.39 -21.30
C PHE D 50 11.02 -4.33 -20.11
N HIS D 51 9.97 -4.23 -19.32
CA HIS D 51 9.82 -5.07 -18.14
C HIS D 51 8.56 -5.91 -18.21
N THR D 52 8.65 -7.16 -17.76
CA THR D 52 7.52 -8.09 -17.76
C THR D 52 7.85 -9.26 -16.83
N LEU D 53 6.86 -10.13 -16.59
CA LEU D 53 7.10 -11.29 -15.76
C LEU D 53 7.87 -12.29 -16.61
N TRP D 54 8.76 -13.04 -15.98
CA TRP D 54 9.56 -14.00 -16.70
C TRP D 54 8.77 -15.03 -17.51
N HIS D 55 7.71 -15.58 -16.91
CA HIS D 55 6.95 -16.61 -17.58
C HIS D 55 6.20 -16.22 -18.85
N THR D 56 6.11 -14.93 -19.14
CA THR D 56 5.40 -14.51 -20.35
C THR D 56 6.17 -14.84 -21.64
N THR D 57 7.49 -14.78 -21.58
CA THR D 57 8.30 -15.04 -22.76
C THR D 57 9.39 -16.05 -22.47
N LYS D 58 9.69 -16.21 -21.19
CA LYS D 58 10.73 -17.12 -20.77
C LYS D 58 12.05 -16.84 -21.48
N GLY D 59 12.32 -15.56 -21.76
CA GLY D 59 13.57 -15.21 -22.41
C GLY D 59 13.57 -14.97 -23.91
N ALA D 60 12.53 -15.42 -24.59
CA ALA D 60 12.44 -15.24 -26.03
C ALA D 60 12.73 -13.80 -26.43
N ALA D 61 13.42 -13.62 -27.55
CA ALA D 61 13.72 -12.28 -28.04
C ALA D 61 12.42 -11.57 -28.35
N LEU D 62 12.45 -10.25 -28.44
CA LEU D 62 11.23 -9.52 -28.73
C LEU D 62 11.37 -8.50 -29.85
N MET D 63 10.57 -8.66 -30.89
N MET D 63 10.56 -8.66 -30.89
CA MET D 63 10.60 -7.72 -31.99
CA MET D 63 10.59 -7.72 -32.00
C MET D 63 9.81 -6.49 -31.58
C MET D 63 9.78 -6.48 -31.61
N SER D 64 10.30 -5.31 -31.91
CA SER D 64 9.63 -4.07 -31.58
C SER D 64 9.92 -3.13 -32.73
N GLY D 65 8.89 -2.85 -33.52
CA GLY D 65 9.09 -2.02 -34.68
C GLY D 65 9.87 -2.88 -35.66
N GLU D 66 10.93 -2.34 -36.22
CA GLU D 66 11.75 -3.11 -37.16
C GLU D 66 12.94 -3.75 -36.45
N GLY D 67 13.18 -3.35 -35.22
CA GLY D 67 14.30 -3.89 -34.48
C GLY D 67 13.93 -4.99 -33.51
N ARG D 68 14.94 -5.52 -32.82
CA ARG D 68 14.71 -6.58 -31.86
C ARG D 68 15.25 -6.19 -30.49
N LEU D 69 14.73 -6.87 -29.46
CA LEU D 69 15.15 -6.63 -28.09
C LEU D 69 15.52 -7.97 -27.48
N ASP D 70 16.65 -8.04 -26.81
CA ASP D 70 17.10 -9.28 -26.20
C ASP D 70 17.04 -9.20 -24.68
N PRO D 71 16.86 -10.34 -24.01
CA PRO D 71 16.81 -10.29 -22.56
C PRO D 71 18.14 -9.81 -22.00
N TYR D 72 18.08 -8.98 -20.97
CA TYR D 72 19.27 -8.46 -20.33
C TYR D 72 19.46 -9.16 -19.00
N TRP D 73 18.39 -9.20 -18.22
CA TRP D 73 18.44 -9.85 -16.92
C TRP D 73 17.10 -10.45 -16.55
N GLY D 74 17.15 -11.54 -15.81
CA GLY D 74 15.91 -12.19 -15.41
C GLY D 74 16.12 -13.13 -14.24
N SER D 75 15.02 -13.54 -13.62
CA SER D 75 15.08 -14.46 -12.50
C SER D 75 13.81 -15.26 -12.45
N VAL D 76 13.95 -16.57 -12.66
CA VAL D 76 12.84 -17.49 -12.61
C VAL D 76 12.13 -17.43 -11.25
N LYS D 77 12.91 -17.46 -10.18
CA LYS D 77 12.33 -17.44 -8.85
C LYS D 77 11.49 -16.19 -8.60
N GLU D 78 11.98 -15.04 -9.05
CA GLU D 78 11.21 -13.83 -8.86
C GLU D 78 10.24 -13.58 -10.01
N ASP D 79 10.31 -14.42 -11.03
CA ASP D 79 9.44 -14.32 -12.19
C ASP D 79 9.48 -12.90 -12.76
N ARG D 80 10.68 -12.38 -12.93
CA ARG D 80 10.90 -11.04 -13.42
C ARG D 80 11.90 -11.06 -14.57
N LEU D 81 11.62 -10.28 -15.60
CA LEU D 81 12.49 -10.24 -16.78
C LEU D 81 12.49 -8.86 -17.43
N CYS D 82 13.65 -8.38 -17.85
CA CYS D 82 13.73 -7.07 -18.50
C CYS D 82 14.60 -7.09 -19.75
N TYR D 83 14.21 -6.31 -20.74
CA TYR D 83 14.94 -6.25 -22.01
C TYR D 83 15.54 -4.88 -22.27
N GLY D 84 16.73 -4.88 -22.87
CA GLY D 84 17.40 -3.64 -23.21
C GLY D 84 18.34 -3.04 -22.20
N GLY D 85 18.39 -3.60 -21.00
CA GLY D 85 19.27 -3.08 -19.98
C GLY D 85 18.82 -3.48 -18.60
N PRO D 86 19.46 -2.96 -17.55
CA PRO D 86 19.09 -3.32 -16.18
C PRO D 86 17.69 -2.88 -15.77
N TRP D 87 17.14 -3.59 -14.79
CA TRP D 87 15.82 -3.32 -14.26
C TRP D 87 15.73 -1.85 -13.84
N LYS D 88 14.77 -1.11 -14.39
CA LYS D 88 14.60 0.31 -14.09
C LYS D 88 13.51 0.65 -13.07
N LEU D 89 12.47 -0.19 -13.00
CA LEU D 89 11.38 0.06 -12.06
C LEU D 89 11.83 -0.06 -10.61
N GLN D 90 11.41 0.87 -9.76
CA GLN D 90 11.83 0.84 -8.37
C GLN D 90 10.82 1.26 -7.31
N HIS D 91 9.82 2.04 -7.72
CA HIS D 91 8.80 2.54 -6.81
C HIS D 91 8.03 1.47 -6.05
N LYS D 92 7.78 1.74 -4.77
CA LYS D 92 7.11 0.80 -3.89
C LYS D 92 5.75 1.25 -3.36
N TRP D 93 4.86 0.29 -3.18
CA TRP D 93 3.53 0.55 -2.63
C TRP D 93 3.81 0.91 -1.16
N ASN D 94 3.12 1.92 -0.64
CA ASN D 94 3.37 2.34 0.73
C ASN D 94 2.67 1.52 1.82
N GLY D 95 1.92 0.50 1.42
CA GLY D 95 1.23 -0.33 2.39
C GLY D 95 -0.22 -0.01 2.70
N GLN D 96 -0.75 1.11 2.21
CA GLN D 96 -2.14 1.45 2.49
C GLN D 96 -2.87 2.08 1.32
N ASP D 97 -2.09 2.68 0.43
CA ASP D 97 -2.61 3.34 -0.76
C ASP D 97 -3.44 2.45 -1.65
N GLU D 98 -4.39 3.05 -2.35
CA GLU D 98 -5.15 2.30 -3.32
C GLU D 98 -4.26 2.48 -4.53
N VAL D 99 -4.19 1.48 -5.39
CA VAL D 99 -3.36 1.56 -6.57
C VAL D 99 -4.21 1.20 -7.78
N GLN D 100 -3.67 1.39 -8.97
CA GLN D 100 -4.42 1.06 -10.16
C GLN D 100 -3.63 0.12 -11.06
N MET D 101 -4.31 -0.95 -11.49
CA MET D 101 -3.70 -1.90 -12.40
C MET D 101 -4.08 -1.43 -13.78
N ILE D 102 -3.11 -1.27 -14.67
CA ILE D 102 -3.41 -0.85 -16.03
C ILE D 102 -3.65 -2.24 -16.62
N VAL D 103 -4.93 -2.59 -16.78
CA VAL D 103 -5.32 -3.90 -17.27
C VAL D 103 -5.05 -3.94 -18.77
N VAL D 104 -4.28 -4.95 -19.19
CA VAL D 104 -3.94 -5.14 -20.59
C VAL D 104 -4.51 -6.54 -20.85
N GLU D 105 -5.84 -6.62 -21.00
CA GLU D 105 -6.51 -7.90 -21.23
C GLU D 105 -6.64 -8.22 -22.72
N PRO D 106 -6.23 -9.42 -23.13
CA PRO D 106 -6.31 -9.82 -24.54
C PRO D 106 -7.68 -9.53 -25.14
N GLY D 107 -7.70 -8.75 -26.21
CA GLY D 107 -8.97 -8.45 -26.85
C GLY D 107 -9.80 -7.40 -26.16
N LYS D 108 -9.28 -6.83 -25.08
CA LYS D 108 -10.01 -5.80 -24.36
C LYS D 108 -9.27 -4.50 -24.56
N ASN D 109 -9.98 -3.40 -24.52
CA ASN D 109 -9.33 -2.10 -24.66
C ASN D 109 -8.65 -1.88 -23.30
N VAL D 110 -7.50 -1.22 -23.29
CA VAL D 110 -6.83 -1.00 -22.02
C VAL D 110 -7.71 -0.21 -21.05
N LYS D 111 -7.70 -0.63 -19.79
CA LYS D 111 -8.49 0.05 -18.75
C LYS D 111 -7.82 -0.14 -17.40
N ASN D 112 -7.98 0.85 -16.54
CA ASN D 112 -7.41 0.84 -15.20
C ASN D 112 -8.46 0.40 -14.21
N VAL D 113 -8.05 -0.36 -13.20
CA VAL D 113 -8.95 -0.79 -12.14
C VAL D 113 -8.27 -0.39 -10.83
N ARG D 114 -9.04 0.20 -9.93
N ARG D 114 -9.05 0.20 -9.93
CA ARG D 114 -8.54 0.68 -8.64
CA ARG D 114 -8.57 0.67 -8.64
C ARG D 114 -8.73 -0.36 -7.56
C ARG D 114 -8.74 -0.38 -7.55
N THR D 115 -7.76 -0.48 -6.66
CA THR D 115 -7.86 -1.45 -5.57
C THR D 115 -6.87 -1.21 -4.44
N LYS D 116 -7.29 -1.53 -3.23
CA LYS D 116 -6.41 -1.39 -2.08
C LYS D 116 -5.78 -2.76 -1.92
N PRO D 117 -4.45 -2.84 -2.08
CA PRO D 117 -3.73 -4.10 -1.95
C PRO D 117 -3.91 -4.79 -0.62
N GLY D 118 -3.73 -6.11 -0.64
CA GLY D 118 -3.78 -6.91 0.55
C GLY D 118 -2.31 -7.20 0.83
N VAL D 119 -2.02 -8.24 1.61
CA VAL D 119 -0.62 -8.56 1.91
C VAL D 119 -0.27 -10.03 1.82
N PHE D 120 0.89 -10.32 1.27
CA PHE D 120 1.40 -11.68 1.18
C PHE D 120 2.41 -11.74 2.32
N LYS D 121 2.10 -12.50 3.35
CA LYS D 121 3.01 -12.63 4.47
C LYS D 121 3.84 -13.88 4.21
N THR D 122 5.12 -13.68 3.97
CA THR D 122 6.02 -14.79 3.71
C THR D 122 7.01 -14.79 4.85
N PRO D 123 7.77 -15.88 5.02
CA PRO D 123 8.75 -15.93 6.11
C PRO D 123 9.92 -14.98 5.82
N GLU D 124 9.99 -14.50 4.59
CA GLU D 124 11.04 -13.57 4.18
C GLU D 124 10.60 -12.12 4.36
N GLY D 125 9.31 -11.90 4.61
CA GLY D 125 8.81 -10.55 4.80
C GLY D 125 7.40 -10.37 4.26
N GLU D 126 6.95 -9.13 4.12
CA GLU D 126 5.62 -8.84 3.61
C GLU D 126 5.68 -8.29 2.19
N ILE D 127 4.71 -8.68 1.35
CA ILE D 127 4.65 -8.21 -0.04
C ILE D 127 3.23 -7.77 -0.38
N GLY D 128 3.12 -6.68 -1.13
CA GLY D 128 1.81 -6.21 -1.53
C GLY D 128 1.19 -7.22 -2.47
N ALA D 129 -0.12 -7.44 -2.33
CA ALA D 129 -0.84 -8.39 -3.18
C ALA D 129 -2.19 -7.83 -3.57
N VAL D 130 -2.61 -8.09 -4.80
CA VAL D 130 -3.90 -7.59 -5.29
C VAL D 130 -4.86 -8.70 -5.68
N THR D 131 -6.11 -8.56 -5.26
CA THR D 131 -7.12 -9.54 -5.58
C THR D 131 -7.84 -9.12 -6.84
N LEU D 132 -7.20 -9.36 -7.97
CA LEU D 132 -7.75 -9.02 -9.26
C LEU D 132 -7.68 -10.25 -10.13
N ASP D 133 -8.84 -10.66 -10.65
CA ASP D 133 -8.91 -11.84 -11.48
C ASP D 133 -8.97 -11.54 -12.99
N PHE D 134 -7.84 -11.65 -13.67
CA PHE D 134 -7.81 -11.42 -15.12
C PHE D 134 -7.15 -12.60 -15.80
N PRO D 135 -7.56 -12.90 -17.04
CA PRO D 135 -7.07 -14.01 -17.86
C PRO D 135 -5.60 -14.03 -18.25
N THR D 136 -5.15 -15.21 -18.69
CA THR D 136 -3.78 -15.42 -19.12
C THR D 136 -3.59 -14.40 -20.22
N GLY D 137 -2.41 -13.81 -20.28
CA GLY D 137 -2.18 -12.81 -21.30
C GLY D 137 -2.15 -11.43 -20.68
N THR D 138 -2.70 -11.29 -19.48
CA THR D 138 -2.67 -9.98 -18.85
C THR D 138 -1.45 -9.88 -17.94
N SER D 139 -0.79 -11.00 -17.70
CA SER D 139 0.41 -11.01 -16.87
C SER D 139 1.43 -10.05 -17.48
N GLY D 140 1.99 -9.16 -16.66
CA GLY D 140 2.95 -8.20 -17.16
C GLY D 140 2.36 -6.80 -17.13
N SER D 141 1.06 -6.74 -16.90
CA SER D 141 0.37 -5.47 -16.82
C SER D 141 1.00 -4.69 -15.68
N PRO D 142 1.24 -3.40 -15.91
CA PRO D 142 1.85 -2.63 -14.83
C PRO D 142 0.83 -2.11 -13.83
N ILE D 143 1.26 -1.96 -12.59
CA ILE D 143 0.40 -1.43 -11.52
C ILE D 143 1.04 -0.09 -11.12
N VAL D 144 0.24 0.95 -10.98
CA VAL D 144 0.77 2.26 -10.62
C VAL D 144 0.13 2.90 -9.39
N ASP D 145 0.86 3.86 -8.79
CA ASP D 145 0.35 4.57 -7.62
C ASP D 145 -0.20 5.94 -8.08
N LYS D 146 -0.59 6.78 -7.13
CA LYS D 146 -1.16 8.10 -7.44
C LYS D 146 -0.31 8.95 -8.38
N ASN D 147 1.01 8.78 -8.32
CA ASN D 147 1.93 9.56 -9.14
C ASN D 147 2.13 9.01 -10.53
N GLY D 148 1.56 7.84 -10.79
CA GLY D 148 1.73 7.25 -12.10
C GLY D 148 3.04 6.50 -12.18
N ASP D 149 3.67 6.25 -11.04
CA ASP D 149 4.92 5.50 -11.02
C ASP D 149 4.55 4.02 -10.97
N VAL D 150 5.33 3.20 -11.66
CA VAL D 150 5.07 1.77 -11.67
C VAL D 150 5.63 1.17 -10.37
N ILE D 151 4.78 0.47 -9.63
CA ILE D 151 5.21 -0.14 -8.38
C ILE D 151 5.34 -1.63 -8.49
N GLY D 152 4.98 -2.17 -9.65
CA GLY D 152 5.10 -3.60 -9.85
C GLY D 152 4.30 -4.10 -11.05
N LEU D 153 4.33 -5.41 -11.25
CA LEU D 153 3.60 -6.04 -12.34
C LEU D 153 2.63 -7.07 -11.77
N TYR D 154 1.63 -7.42 -12.56
CA TYR D 154 0.59 -8.37 -12.17
C TYR D 154 0.80 -9.76 -12.79
N GLY D 155 0.31 -10.81 -12.15
CA GLY D 155 0.43 -12.13 -12.77
C GLY D 155 1.10 -13.32 -12.12
N ASN D 156 1.52 -13.19 -10.86
CA ASN D 156 2.16 -14.32 -10.19
C ASN D 156 1.64 -14.41 -8.76
N GLY D 157 0.85 -15.45 -8.49
CA GLY D 157 0.31 -15.58 -7.15
C GLY D 157 -0.29 -16.92 -6.78
N VAL D 158 -1.47 -16.88 -6.15
CA VAL D 158 -2.19 -18.07 -5.69
C VAL D 158 -3.68 -17.98 -5.95
N ILE D 159 -4.36 -19.13 -5.93
CA ILE D 159 -5.81 -19.19 -6.12
C ILE D 159 -6.40 -19.71 -4.81
N MET D 160 -7.14 -18.86 -4.10
CA MET D 160 -7.73 -19.25 -2.83
C MET D 160 -8.77 -20.34 -2.98
N PRO D 161 -9.07 -21.08 -1.90
CA PRO D 161 -10.05 -22.17 -1.91
C PRO D 161 -11.41 -21.77 -2.50
N ASN D 162 -11.76 -20.49 -2.40
CA ASN D 162 -13.03 -20.03 -2.94
C ASN D 162 -12.93 -19.61 -4.41
N GLY D 163 -11.77 -19.79 -5.01
CA GLY D 163 -11.60 -19.43 -6.41
C GLY D 163 -11.02 -18.06 -6.69
N SER D 164 -10.84 -17.24 -5.65
CA SER D 164 -10.29 -15.90 -5.81
C SER D 164 -8.78 -15.93 -6.07
N TYR D 165 -8.37 -15.31 -7.16
CA TYR D 165 -6.96 -15.23 -7.51
C TYR D 165 -6.37 -13.99 -6.86
N ILE D 166 -5.15 -14.13 -6.33
CA ILE D 166 -4.47 -12.99 -5.71
C ILE D 166 -3.08 -12.95 -6.33
N SER D 167 -2.73 -11.79 -6.88
CA SER D 167 -1.43 -11.63 -7.49
C SER D 167 -0.55 -10.78 -6.61
N ALA D 168 0.71 -11.17 -6.52
CA ALA D 168 1.64 -10.38 -5.75
C ALA D 168 1.87 -9.15 -6.64
N ILE D 169 2.32 -8.06 -6.04
CA ILE D 169 2.65 -6.87 -6.82
C ILE D 169 4.14 -7.19 -7.02
N VAL D 170 4.43 -7.79 -8.17
CA VAL D 170 5.78 -8.20 -8.52
C VAL D 170 6.70 -7.02 -8.81
N GLN D 171 7.68 -6.83 -7.94
CA GLN D 171 8.60 -5.71 -8.08
C GLN D 171 10.00 -6.05 -7.57
N GLY D 172 10.97 -5.28 -8.03
CA GLY D 172 12.35 -5.46 -7.62
C GLY D 172 13.03 -4.11 -7.50
N LYS D 173 14.27 -4.11 -7.00
CA LYS D 173 15.04 -2.89 -6.85
C LYS D 173 15.70 -2.50 -8.18
N ARG D 174 15.93 -1.21 -8.37
CA ARG D 174 16.56 -0.73 -9.58
C ARG D 174 17.97 -1.30 -9.67
N MET D 175 18.40 -1.63 -10.88
CA MET D 175 19.74 -2.18 -11.11
C MET D 175 20.67 -1.10 -11.64
N ASP D 176 21.95 -1.20 -11.29
CA ASP D 176 22.95 -0.23 -11.76
C ASP D 176 23.33 -0.59 -13.19
N GLU D 177 23.50 0.44 -14.03
CA GLU D 177 23.90 0.22 -15.41
C GLU D 177 25.32 -0.35 -15.45
N PRO D 178 25.64 -1.18 -16.46
CA PRO D 178 26.97 -1.77 -16.57
C PRO D 178 28.06 -0.76 -16.98
CAW NKK E . -1.50 1.04 9.18
CBJ NKK E . 4.09 -1.89 5.00
CBI NKK E . 3.88 -2.97 4.16
CBL NKK E . 3.29 -4.12 4.66
CBM NKK E . 3.06 -5.21 3.81
CBO NKK E . 3.43 -5.13 2.47
CBN NKK E . 4.02 -3.98 1.98
CBH NKK E . 4.24 -2.90 2.82
CBG NKK E . 4.82 -1.74 2.33
CBF NKK E . 5.03 -0.65 3.17
CBK NKK E . 4.67 -0.72 4.50
CAA NKK E . 4.95 0.46 5.43
OAB NKK E . 5.05 0.31 6.65
N NKK E . 5.11 1.63 4.81
CA NKK E . 5.38 2.88 5.54
CB NKK E . 5.90 3.92 4.54
CG NKK E . 7.22 3.40 3.96
CD NKK E . 7.73 4.26 2.81
CE NKK E . 8.04 5.69 3.25
NZ NKK E . 8.56 6.43 2.10
C NKK E . 4.09 3.34 6.23
O NKK E . 4.11 4.15 7.16
NAL NKK E . 2.98 2.81 5.75
CAM NKK E . 1.65 3.10 6.31
CAP NKK E . 0.71 3.69 5.26
CAQ NKK E . 1.11 5.11 4.84
CAR NKK E . 0.10 5.68 3.84
CAS NKK E . 0.46 7.10 3.43
NAT NKK E . 0.48 7.97 4.61
CAN NKK E . 1.06 1.77 6.80
OAO NKK E . 1.18 0.74 6.14
NAU NKK E . 0.47 1.84 7.99
CAV NKK E . -0.16 0.65 8.59
OAX NKK E . -2.12 -0.14 9.70
CAY NKK E . 0.78 0.08 9.65
CAZ NKK E . 2.16 -0.12 9.03
CBA NKK E . 3.22 -0.71 9.97
NBB NKK E . 4.44 -0.93 9.18
CBC NKK E . 5.51 -1.50 9.71
NBE NKK E . 6.59 -1.70 8.95
NBD NKK E . 5.48 -1.91 10.98
CAW NKK F . -0.70 -14.25 -16.63
CBJ NKK F . -4.04 -19.88 -14.28
CBI NKK F . -4.70 -20.73 -15.17
CBL NKK F . -5.16 -20.24 -16.39
CBM NKK F . -5.79 -21.10 -17.28
CBO NKK F . -5.97 -22.45 -16.95
CBN NKK F . -5.50 -22.93 -15.73
CBH NKK F . -4.86 -22.07 -14.85
CBG NKK F . -4.38 -22.56 -13.64
CBF NKK F . -3.72 -21.71 -12.75
CBK NKK F . -3.55 -20.37 -13.08
CAA NKK F . -2.84 -19.41 -12.11
OAB NKK F . -3.20 -18.24 -12.02
N NKK F . -1.87 -19.95 -11.37
CA NKK F . -1.11 -19.13 -10.42
CB NKK F . -0.06 -19.99 -9.69
CG NKK F . -0.71 -20.90 -8.65
CD NKK F . 0.38 -21.61 -7.84
CE NKK F . -0.22 -22.45 -6.71
NZ NKK F . 0.88 -23.04 -5.93
C NKK F . -0.42 -17.98 -11.15
O NKK F . -0.22 -16.90 -10.59
NAL NKK F . -0.05 -18.25 -12.40
CAM NKK F . 0.59 -17.25 -13.27
CAP NKK F . 1.86 -17.81 -13.90
CAQ NKK F . 2.92 -18.13 -12.84
CAR NKK F . 4.21 -18.63 -13.50
CAS NKK F . 5.27 -19.00 -12.45
NAT NKK F . 5.60 -17.82 -11.64
CAN NKK F . -0.43 -16.85 -14.34
OAO NKK F . -1.08 -17.71 -14.93
NAU NKK F . -0.53 -15.55 -14.54
CAV NKK F . -1.47 -14.97 -15.52
OAX NKK F . 0.07 -15.19 -17.35
CAY NKK F . -2.39 -13.97 -14.80
CAZ NKK F . -3.18 -14.63 -13.66
CBA NKK F . -4.14 -15.68 -14.22
NBB NKK F . -4.76 -16.43 -13.12
CBC NKK F . -5.96 -16.11 -12.67
NBE NKK F . -6.51 -16.87 -11.72
NBD NKK F . -6.64 -15.09 -13.20
#